data_6UF3
#
_entry.id   6UF3
#
_cell.length_a   40.994
_cell.length_b   66.104
_cell.length_c   81.725
_cell.angle_alpha   90.000
_cell.angle_beta   90.000
_cell.angle_gamma   90.000
#
_symmetry.space_group_name_H-M   'P 21 21 21'
#
loop_
_entity.id
_entity.type
_entity.pdbx_description
1 polymer 'Polyisoprenyl-teichoic acid--peptidoglycan teichoic acid transferase TagV'
2 water water
#
_entity_poly.entity_id   1
_entity_poly.type   'polypeptide(L)'
_entity_poly.pdbx_seq_one_letter_code
;MKKKPFSILFMGIEDYATKGQKGRSDSLIVVTLDPKNKTMKMLSIPRDTRVQLAGDTTGSKTKINAAYSKGGKDETVETV
ENFLQIPIDKYVTVDFDGFKDVINEVGGIDVDVPFDFDEKSDVDESKRIYFKKGEMHLNGEEALAYARMRKQDKRGDFGR
NDRQKQILNALIDRMSSASNIAKIDKIAEKASENVETNIRITEGLALQQIYSGFTSKKIDTLSITGSDLYLGPNNTYYFE
PDATNLEKVRKTLQEHLDYTPLEHHHHHHHH
;
_entity_poly.pdbx_strand_id   A
#
# COMPACT_ATOMS: atom_id res chain seq x y z
N MET A 1 0.29 20.91 9.77
CA MET A 1 0.84 20.31 8.57
C MET A 1 0.72 21.24 7.37
N LYS A 2 1.82 21.37 6.62
CA LYS A 2 1.82 22.21 5.43
C LYS A 2 1.01 21.56 4.32
N LYS A 3 0.37 22.40 3.50
CA LYS A 3 -0.48 21.93 2.42
C LYS A 3 0.31 21.54 1.16
N LYS A 4 1.62 21.44 1.26
CA LYS A 4 2.43 21.06 0.12
C LYS A 4 2.08 19.63 -0.33
N PRO A 5 2.07 19.35 -1.63
CA PRO A 5 1.85 17.97 -2.08
C PRO A 5 2.90 17.03 -1.50
N PHE A 6 2.47 15.81 -1.20
CA PHE A 6 3.40 14.84 -0.61
C PHE A 6 2.93 13.42 -0.90
N SER A 7 3.83 12.46 -0.69
CA SER A 7 3.53 11.07 -0.98
C SER A 7 3.63 10.20 0.27
N ILE A 8 2.91 9.08 0.27
CA ILE A 8 2.96 8.07 1.32
C ILE A 8 3.22 6.71 0.66
N LEU A 9 4.17 5.96 1.20
CA LEU A 9 4.33 4.55 0.83
C LEU A 9 3.76 3.69 1.95
N PHE A 10 2.81 2.82 1.59
CA PHE A 10 2.23 1.85 2.49
C PHE A 10 2.88 0.50 2.22
N MET A 11 3.47 -0.09 3.26
CA MET A 11 4.14 -1.38 3.19
C MET A 11 3.40 -2.36 4.07
N GLY A 12 2.96 -3.47 3.49
CA GLY A 12 2.42 -4.60 4.23
C GLY A 12 3.42 -5.73 4.24
N ILE A 13 3.74 -6.22 5.45
CA ILE A 13 4.73 -7.28 5.62
C ILE A 13 4.19 -8.34 6.58
N GLU A 14 4.85 -9.49 6.60
CA GLU A 14 4.55 -10.53 7.57
C GLU A 14 5.47 -10.45 8.77
N ASP A 15 6.78 -10.50 8.54
CA ASP A 15 7.79 -10.50 9.60
C ASP A 15 8.57 -9.19 9.55
N TYR A 16 8.50 -8.42 10.64
CA TYR A 16 9.45 -7.32 10.82
C TYR A 16 10.89 -7.82 10.96
N ALA A 17 11.10 -9.07 11.38
CA ALA A 17 12.46 -9.58 11.58
C ALA A 17 12.51 -11.07 11.27
N THR A 18 13.35 -11.46 10.32
CA THR A 18 13.59 -12.88 10.08
C THR A 18 14.87 -13.06 9.28
N LYS A 19 15.45 -14.26 9.41
CA LYS A 19 16.63 -14.67 8.65
C LYS A 19 17.83 -13.76 8.91
N GLY A 20 17.92 -13.22 10.12
CA GLY A 20 18.98 -12.29 10.47
C GLY A 20 18.82 -10.89 9.94
N GLN A 21 17.83 -10.65 9.08
CA GLN A 21 17.53 -9.32 8.53
C GLN A 21 16.05 -9.00 8.77
N LYS A 22 15.36 -8.58 7.71
CA LYS A 22 13.92 -8.35 7.73
C LYS A 22 13.23 -9.27 6.73
N GLY A 23 11.90 -9.31 6.78
CA GLY A 23 11.14 -10.14 5.84
C GLY A 23 10.88 -9.43 4.52
N ARG A 24 10.41 -10.20 3.55
CA ARG A 24 9.99 -9.59 2.29
C ARG A 24 8.66 -8.87 2.47
N SER A 25 8.49 -7.78 1.72
CA SER A 25 7.22 -7.08 1.75
C SER A 25 6.20 -7.83 0.89
N ASP A 26 4.94 -7.78 1.30
CA ASP A 26 3.88 -8.40 0.53
C ASP A 26 3.04 -7.38 -0.21
N SER A 27 2.94 -6.17 0.33
CA SER A 27 2.06 -5.15 -0.24
C SER A 27 2.83 -3.84 -0.33
N LEU A 28 2.78 -3.19 -1.49
CA LEU A 28 3.43 -1.90 -1.70
C LEU A 28 2.45 -0.99 -2.43
N ILE A 29 1.96 0.05 -1.75
CA ILE A 29 1.02 0.99 -2.36
C ILE A 29 1.51 2.40 -2.12
N VAL A 30 1.61 3.19 -3.18
CA VAL A 30 2.00 4.59 -3.10
C VAL A 30 0.75 5.44 -3.31
N VAL A 31 0.57 6.44 -2.44
CA VAL A 31 -0.49 7.43 -2.60
C VAL A 31 0.18 8.79 -2.69
N THR A 32 -0.20 9.60 -3.68
CA THR A 32 0.26 10.98 -3.75
C THR A 32 -0.93 11.90 -3.45
N LEU A 33 -0.66 12.99 -2.76
CA LEU A 33 -1.71 13.88 -2.27
C LEU A 33 -1.38 15.32 -2.63
N ASP A 34 -2.38 16.04 -3.13
CA ASP A 34 -2.28 17.47 -3.38
C ASP A 34 -3.34 18.11 -2.49
N PRO A 35 -2.99 18.45 -1.24
CA PRO A 35 -4.02 18.93 -0.30
C PRO A 35 -4.61 20.26 -0.66
N LYS A 36 -3.84 21.15 -1.29
CA LYS A 36 -4.40 22.43 -1.70
C LYS A 36 -5.59 22.25 -2.63
N ASN A 37 -5.59 21.18 -3.42
CA ASN A 37 -6.65 20.89 -4.38
C ASN A 37 -7.52 19.70 -3.98
N LYS A 38 -7.27 19.12 -2.80
CA LYS A 38 -8.03 17.96 -2.31
C LYS A 38 -8.04 16.82 -3.31
N THR A 39 -6.87 16.49 -3.87
CA THR A 39 -6.79 15.39 -4.81
C THR A 39 -5.82 14.32 -4.33
N MET A 40 -5.99 13.11 -4.87
CA MET A 40 -5.16 11.95 -4.57
C MET A 40 -4.95 11.09 -5.82
N LYS A 41 -3.78 10.44 -5.87
CA LYS A 41 -3.51 9.40 -6.85
C LYS A 41 -2.98 8.18 -6.10
N MET A 42 -3.17 6.99 -6.69
CA MET A 42 -2.81 5.74 -6.04
C MET A 42 -2.22 4.76 -7.04
N LEU A 43 -1.19 4.03 -6.61
CA LEU A 43 -0.50 3.07 -7.46
C LEU A 43 -0.02 1.90 -6.61
N SER A 44 -0.42 0.66 -6.93
CA SER A 44 0.22 -0.48 -6.28
C SER A 44 1.39 -0.96 -7.14
N ILE A 45 2.39 -1.53 -6.48
CA ILE A 45 3.54 -2.09 -7.17
C ILE A 45 3.55 -3.60 -6.95
N PRO A 46 3.43 -4.42 -7.99
CA PRO A 46 3.42 -5.87 -7.80
C PRO A 46 4.68 -6.35 -7.09
N ARG A 47 4.52 -7.36 -6.23
CA ARG A 47 5.62 -7.81 -5.38
C ARG A 47 6.78 -8.37 -6.18
N ASP A 48 6.50 -8.88 -7.38
CA ASP A 48 7.52 -9.49 -8.22
C ASP A 48 8.11 -8.52 -9.25
N THR A 49 7.84 -7.22 -9.13
CA THR A 49 8.36 -6.27 -10.11
C THR A 49 9.89 -6.29 -10.12
N ARG A 50 10.44 -6.50 -11.31
CA ARG A 50 11.89 -6.62 -11.51
C ARG A 50 12.52 -5.22 -11.52
N VAL A 51 13.35 -4.92 -10.52
CA VAL A 51 13.89 -3.59 -10.32
C VAL A 51 15.33 -3.69 -9.83
N GLN A 52 16.07 -2.61 -9.99
CA GLN A 52 17.38 -2.46 -9.34
C GLN A 52 17.16 -1.97 -7.91
N LEU A 53 17.73 -2.69 -6.95
CA LEU A 53 17.63 -2.24 -5.57
C LEU A 53 18.42 -0.95 -5.38
N ALA A 54 17.89 -0.04 -4.57
CA ALA A 54 18.59 1.21 -4.33
C ALA A 54 19.99 0.95 -3.79
N GLY A 55 20.98 1.63 -4.36
CA GLY A 55 22.34 1.49 -3.90
C GLY A 55 23.08 0.29 -4.45
N ASP A 56 22.44 -0.55 -5.26
CA ASP A 56 23.08 -1.74 -5.81
C ASP A 56 23.55 -1.42 -7.23
N THR A 57 24.70 -0.76 -7.31
CA THR A 57 25.19 -0.29 -8.60
C THR A 57 25.83 -1.43 -9.42
N THR A 58 26.47 -2.38 -8.75
CA THR A 58 27.15 -3.46 -9.45
C THR A 58 26.32 -4.74 -9.53
N GLY A 59 25.07 -4.71 -9.05
CA GLY A 59 24.27 -5.91 -8.94
C GLY A 59 23.22 -6.06 -10.04
N SER A 60 22.62 -7.24 -10.06
CA SER A 60 21.53 -7.56 -10.97
C SER A 60 20.19 -7.17 -10.36
N LYS A 61 19.22 -6.95 -11.24
CA LYS A 61 17.86 -6.65 -10.80
C LYS A 61 17.26 -7.83 -10.07
N THR A 62 16.35 -7.53 -9.14
CA THR A 62 15.66 -8.57 -8.40
C THR A 62 14.23 -8.11 -8.19
N LYS A 63 13.46 -8.91 -7.46
CA LYS A 63 12.08 -8.56 -7.20
C LYS A 63 12.02 -7.44 -6.15
N ILE A 64 11.07 -6.51 -6.32
CA ILE A 64 11.05 -5.37 -5.42
C ILE A 64 10.73 -5.79 -3.99
N ASN A 65 10.02 -6.90 -3.81
CA ASN A 65 9.67 -7.31 -2.45
C ASN A 65 10.89 -7.76 -1.65
N ALA A 66 12.01 -8.05 -2.31
CA ALA A 66 13.22 -8.38 -1.57
C ALA A 66 13.87 -7.17 -0.93
N ALA A 67 13.49 -5.94 -1.34
CA ALA A 67 14.14 -4.76 -0.78
C ALA A 67 14.01 -4.71 0.73
N TYR A 68 12.83 -5.00 1.26
CA TYR A 68 12.63 -4.94 2.70
C TYR A 68 13.49 -5.96 3.41
N SER A 69 13.76 -7.09 2.74
CA SER A 69 14.59 -8.12 3.34
C SER A 69 16.07 -7.81 3.18
N LYS A 70 16.43 -6.74 2.47
CA LYS A 70 17.83 -6.41 2.21
C LYS A 70 18.10 -4.96 2.56
N GLY A 71 17.73 -4.56 3.77
CA GLY A 71 17.93 -3.21 4.24
C GLY A 71 16.74 -2.58 4.92
N GLY A 72 15.63 -3.30 4.99
CA GLY A 72 14.48 -2.83 5.76
C GLY A 72 13.66 -1.75 5.07
N LYS A 73 12.89 -1.02 5.89
CA LYS A 73 12.01 -0.01 5.33
C LYS A 73 12.79 1.07 4.59
N ASP A 74 14.00 1.41 5.06
CA ASP A 74 14.80 2.42 4.37
C ASP A 74 15.16 1.95 2.96
N GLU A 75 15.53 0.68 2.81
CA GLU A 75 15.86 0.17 1.48
C GLU A 75 14.61 0.10 0.60
N THR A 76 13.46 -0.29 1.16
CA THR A 76 12.25 -0.32 0.35
C THR A 76 11.86 1.08 -0.10
N VAL A 77 11.89 2.05 0.81
CA VAL A 77 11.55 3.43 0.47
C VAL A 77 12.44 3.94 -0.65
N GLU A 78 13.74 3.74 -0.51
CA GLU A 78 14.66 4.27 -1.53
C GLU A 78 14.51 3.53 -2.85
N THR A 79 14.24 2.23 -2.81
CA THR A 79 14.03 1.49 -4.05
C THR A 79 12.77 1.97 -4.77
N VAL A 80 11.70 2.26 -4.02
CA VAL A 80 10.49 2.80 -4.62
C VAL A 80 10.73 4.21 -5.17
N GLU A 81 11.46 5.04 -4.40
CA GLU A 81 11.82 6.38 -4.90
C GLU A 81 12.54 6.29 -6.25
N ASN A 82 13.52 5.39 -6.35
CA ASN A 82 14.26 5.26 -7.59
C ASN A 82 13.38 4.75 -8.73
N PHE A 83 12.50 3.79 -8.42
CA PHE A 83 11.63 3.21 -9.43
C PHE A 83 10.64 4.22 -9.98
N LEU A 84 10.02 5.01 -9.10
CA LEU A 84 8.99 5.97 -9.52
C LEU A 84 9.53 7.35 -9.78
N GLN A 85 10.81 7.60 -9.48
CA GLN A 85 11.45 8.90 -9.67
C GLN A 85 10.63 10.00 -9.00
N ILE A 86 10.19 9.72 -7.78
CA ILE A 86 9.54 10.72 -6.93
C ILE A 86 10.08 10.55 -5.52
N PRO A 87 10.02 11.61 -4.72
CA PRO A 87 10.32 11.45 -3.30
C PRO A 87 9.17 10.77 -2.57
N ILE A 88 9.51 9.98 -1.56
CA ILE A 88 8.54 9.33 -0.69
C ILE A 88 8.63 10.05 0.65
N ASP A 89 7.66 10.91 0.94
CA ASP A 89 7.78 11.76 2.12
C ASP A 89 7.41 11.01 3.40
N LYS A 90 6.36 10.19 3.35
CA LYS A 90 5.83 9.51 4.53
C LYS A 90 5.77 8.02 4.24
N TYR A 91 5.88 7.22 5.31
CA TYR A 91 5.75 5.78 5.20
C TYR A 91 4.85 5.26 6.30
N VAL A 92 4.17 4.17 6.00
CA VAL A 92 3.36 3.41 6.94
C VAL A 92 3.69 1.95 6.72
N THR A 93 4.17 1.26 7.76
CA THR A 93 4.43 -0.16 7.68
C THR A 93 3.48 -0.89 8.62
N VAL A 94 2.91 -2.01 8.17
CA VAL A 94 2.06 -2.81 9.03
C VAL A 94 2.35 -4.29 8.80
N ASP A 95 2.48 -5.06 9.89
CA ASP A 95 2.59 -6.50 9.79
C ASP A 95 1.18 -7.08 9.99
N PHE A 96 1.08 -8.41 10.02
CA PHE A 96 -0.25 -9.04 10.06
C PHE A 96 -1.00 -8.67 11.32
N ASP A 97 -0.33 -8.74 12.47
CA ASP A 97 -1.00 -8.42 13.73
C ASP A 97 -1.40 -6.95 13.78
N GLY A 98 -0.49 -6.07 13.38
CA GLY A 98 -0.81 -4.65 13.35
C GLY A 98 -1.97 -4.35 12.42
N PHE A 99 -2.02 -5.04 11.29
CA PHE A 99 -3.08 -4.79 10.32
C PHE A 99 -4.44 -5.18 10.90
N LYS A 100 -4.50 -6.37 11.50
CA LYS A 100 -5.74 -6.79 12.15
C LYS A 100 -6.15 -5.78 13.21
N ASP A 101 -5.19 -5.30 14.00
CA ASP A 101 -5.50 -4.30 15.03
C ASP A 101 -6.10 -3.04 14.42
N VAL A 102 -5.49 -2.53 13.35
CA VAL A 102 -6.01 -1.34 12.69
C VAL A 102 -7.46 -1.55 12.29
N ILE A 103 -7.74 -2.67 11.63
CA ILE A 103 -9.10 -2.92 11.13
C ILE A 103 -10.08 -3.05 12.29
N ASN A 104 -9.66 -3.70 13.37
CA ASN A 104 -10.57 -3.88 14.50
C ASN A 104 -10.82 -2.57 15.23
N GLU A 105 -9.83 -1.67 15.25
CA GLU A 105 -10.01 -0.41 15.97
C GLU A 105 -10.99 0.51 15.25
N VAL A 106 -11.07 0.45 13.92
CA VAL A 106 -12.09 1.22 13.21
C VAL A 106 -13.40 0.47 13.11
N GLY A 107 -13.52 -0.71 13.74
CA GLY A 107 -14.78 -1.42 13.75
C GLY A 107 -15.09 -2.21 12.51
N GLY A 108 -14.07 -2.71 11.81
CA GLY A 108 -14.28 -3.46 10.59
C GLY A 108 -14.30 -2.56 9.37
N ILE A 109 -14.33 -3.20 8.19
CA ILE A 109 -14.21 -2.49 6.93
C ILE A 109 -15.19 -3.06 5.91
N ASP A 110 -15.72 -2.20 5.05
CA ASP A 110 -16.69 -2.62 4.05
C ASP A 110 -16.02 -2.81 2.70
N VAL A 111 -16.18 -3.99 2.10
CA VAL A 111 -15.60 -4.27 0.78
C VAL A 111 -16.64 -4.98 -0.08
N ASP A 112 -16.46 -4.82 -1.40
CA ASP A 112 -17.29 -5.50 -2.39
C ASP A 112 -16.56 -6.75 -2.84
N VAL A 113 -16.94 -7.89 -2.27
CA VAL A 113 -16.31 -9.18 -2.57
C VAL A 113 -16.60 -9.58 -4.02
N PRO A 114 -15.59 -9.96 -4.80
CA PRO A 114 -15.81 -10.26 -6.23
C PRO A 114 -16.44 -11.60 -6.49
N PHE A 115 -16.15 -12.60 -5.66
CA PHE A 115 -16.70 -13.94 -5.86
C PHE A 115 -16.61 -14.70 -4.55
N ASP A 116 -17.38 -15.79 -4.46
CA ASP A 116 -17.41 -16.60 -3.26
C ASP A 116 -16.10 -17.37 -3.11
N PHE A 117 -15.54 -17.37 -1.91
CA PHE A 117 -14.33 -18.15 -1.63
C PHE A 117 -14.12 -18.23 -0.13
N ASP A 118 -13.47 -19.30 0.32
CA ASP A 118 -13.17 -19.48 1.73
C ASP A 118 -11.67 -19.63 1.93
N GLU A 119 -11.18 -18.99 2.99
CA GLU A 119 -9.76 -19.01 3.33
C GLU A 119 -9.58 -19.46 4.78
N LYS A 120 -8.37 -19.88 5.09
CA LYS A 120 -8.05 -20.31 6.45
C LYS A 120 -7.79 -19.10 7.33
N SER A 121 -8.11 -19.26 8.61
CA SER A 121 -7.88 -18.21 9.60
C SER A 121 -6.49 -18.35 10.20
N ASP A 122 -5.79 -17.22 10.32
CA ASP A 122 -4.45 -17.23 10.92
C ASP A 122 -4.49 -17.53 12.41
N VAL A 123 -5.65 -17.49 13.04
CA VAL A 123 -5.76 -17.81 14.46
C VAL A 123 -5.58 -19.30 14.68
N ARG A 128 -12.48 -21.96 9.31
CA ARG A 128 -12.68 -21.51 7.94
C ARG A 128 -13.43 -20.17 7.91
N ILE A 129 -13.05 -19.32 6.96
CA ILE A 129 -13.65 -18.00 6.78
C ILE A 129 -14.26 -17.94 5.39
N TYR A 130 -15.59 -17.77 5.33
CA TYR A 130 -16.33 -17.80 4.07
C TYR A 130 -16.66 -16.37 3.64
N PHE A 131 -16.42 -16.08 2.35
CA PHE A 131 -16.72 -14.80 1.74
C PHE A 131 -17.73 -15.03 0.62
N LYS A 132 -18.81 -14.26 0.64
CA LYS A 132 -19.86 -14.34 -0.37
C LYS A 132 -19.79 -13.11 -1.25
N LYS A 133 -19.94 -13.31 -2.56
CA LYS A 133 -19.87 -12.21 -3.52
C LYS A 133 -20.86 -11.11 -3.16
N GLY A 134 -20.40 -9.87 -3.21
CA GLY A 134 -21.22 -8.74 -2.82
C GLY A 134 -20.65 -8.06 -1.59
N GLU A 135 -21.45 -7.17 -1.02
CA GLU A 135 -20.98 -6.35 0.09
C GLU A 135 -20.74 -7.22 1.32
N MET A 136 -19.62 -6.97 2.00
CA MET A 136 -19.34 -7.61 3.27
C MET A 136 -18.67 -6.60 4.19
N HIS A 137 -18.93 -6.77 5.49
CA HIS A 137 -18.25 -6.01 6.54
C HIS A 137 -17.32 -6.97 7.28
N LEU A 138 -16.02 -6.78 7.12
CA LEU A 138 -15.02 -7.69 7.64
C LEU A 138 -14.37 -7.16 8.90
N ASN A 139 -14.12 -8.04 9.85
CA ASN A 139 -13.28 -7.71 11.00
C ASN A 139 -11.81 -7.91 10.61
N GLY A 140 -10.90 -7.73 11.57
CA GLY A 140 -9.48 -7.77 11.24
C GLY A 140 -9.02 -9.12 10.72
N GLU A 141 -9.41 -10.19 11.39
CA GLU A 141 -9.04 -11.53 10.93
C GLU A 141 -9.57 -11.80 9.52
N GLU A 142 -10.83 -11.44 9.28
CA GLU A 142 -11.41 -11.64 7.96
C GLU A 142 -10.74 -10.75 6.92
N ALA A 143 -10.42 -9.50 7.28
CA ALA A 143 -9.80 -8.60 6.32
C ALA A 143 -8.39 -9.07 5.95
N LEU A 144 -7.68 -9.63 6.92
CA LEU A 144 -6.36 -10.20 6.64
C LEU A 144 -6.47 -11.39 5.69
N ALA A 145 -7.41 -12.31 5.97
CA ALA A 145 -7.59 -13.45 5.08
C ALA A 145 -7.99 -13.00 3.68
N TYR A 146 -8.83 -11.96 3.60
CA TYR A 146 -9.20 -11.38 2.31
C TYR A 146 -7.98 -10.86 1.56
N ALA A 147 -7.08 -10.17 2.27
CA ALA A 147 -5.90 -9.60 1.63
C ALA A 147 -4.92 -10.68 1.21
N ARG A 148 -4.89 -11.81 1.91
CA ARG A 148 -3.86 -12.83 1.69
C ARG A 148 -4.25 -13.87 0.65
N MET A 149 -5.54 -13.99 0.32
CA MET A 149 -5.99 -15.06 -0.55
C MET A 149 -5.27 -15.03 -1.90
N ARG A 150 -4.88 -16.21 -2.39
CA ARG A 150 -4.16 -16.34 -3.65
C ARG A 150 -4.71 -17.56 -4.38
N LYS A 151 -5.19 -17.36 -5.61
CA LYS A 151 -5.73 -18.44 -6.42
C LYS A 151 -5.76 -18.05 -7.90
N ARG A 155 2.80 -17.00 -9.99
CA ARG A 155 2.28 -16.51 -11.26
C ARG A 155 1.66 -15.13 -11.11
N GLY A 156 2.28 -14.28 -10.29
CA GLY A 156 1.82 -12.93 -10.09
C GLY A 156 0.92 -12.80 -8.87
N ASP A 157 0.61 -11.54 -8.53
CA ASP A 157 -0.19 -11.23 -7.36
C ASP A 157 -1.26 -10.18 -7.69
N PHE A 158 -1.85 -10.26 -8.89
CA PHE A 158 -2.69 -9.17 -9.36
C PHE A 158 -3.98 -9.06 -8.55
N GLY A 159 -4.68 -10.18 -8.35
CA GLY A 159 -5.90 -10.14 -7.55
C GLY A 159 -5.65 -9.73 -6.12
N ARG A 160 -4.53 -10.19 -5.55
CA ARG A 160 -4.11 -9.74 -4.22
C ARG A 160 -3.95 -8.22 -4.19
N ASN A 161 -3.26 -7.65 -5.18
CA ASN A 161 -3.07 -6.21 -5.21
C ASN A 161 -4.39 -5.48 -5.34
N ASP A 162 -5.33 -6.05 -6.12
CA ASP A 162 -6.64 -5.45 -6.25
C ASP A 162 -7.35 -5.39 -4.91
N ARG A 163 -7.36 -6.51 -4.17
CA ARG A 163 -8.01 -6.54 -2.87
C ARG A 163 -7.31 -5.64 -1.85
N GLN A 164 -5.98 -5.54 -1.92
CA GLN A 164 -5.27 -4.61 -1.04
C GLN A 164 -5.68 -3.17 -1.31
N LYS A 165 -5.77 -2.78 -2.59
CA LYS A 165 -6.20 -1.43 -2.88
C LYS A 165 -7.64 -1.22 -2.44
N GLN A 166 -8.48 -2.24 -2.57
CA GLN A 166 -9.86 -2.16 -2.06
C GLN A 166 -9.89 -1.86 -0.56
N ILE A 167 -9.04 -2.54 0.21
CA ILE A 167 -8.98 -2.30 1.65
C ILE A 167 -8.55 -0.86 1.94
N LEU A 168 -7.50 -0.41 1.25
CA LEU A 168 -7.03 0.96 1.50
C LEU A 168 -8.08 1.99 1.11
N ASN A 169 -8.78 1.76 -0.01
CA ASN A 169 -9.86 2.66 -0.41
C ASN A 169 -10.94 2.70 0.66
N ALA A 170 -11.26 1.54 1.24
CA ALA A 170 -12.30 1.51 2.27
C ALA A 170 -11.88 2.28 3.51
N LEU A 171 -10.60 2.18 3.89
CA LEU A 171 -10.10 2.98 5.00
C LEU A 171 -10.16 4.47 4.69
N ILE A 172 -9.78 4.85 3.47
CA ILE A 172 -9.86 6.26 3.07
C ILE A 172 -11.30 6.74 3.15
N ASP A 173 -12.24 5.94 2.69
CA ASP A 173 -13.65 6.34 2.71
C ASP A 173 -14.15 6.48 4.14
N ARG A 174 -13.73 5.56 5.02
CA ARG A 174 -14.13 5.65 6.41
C ARG A 174 -13.61 6.93 7.04
N MET A 175 -12.32 7.22 6.87
CA MET A 175 -11.79 8.45 7.44
C MET A 175 -12.42 9.69 6.82
N SER A 176 -12.70 9.65 5.50
CA SER A 176 -13.23 10.84 4.85
C SER A 176 -14.65 11.13 5.27
N SER A 177 -15.41 10.09 5.62
CA SER A 177 -16.81 10.29 5.96
C SER A 177 -17.03 10.58 7.43
N ALA A 178 -16.02 10.38 8.28
CA ALA A 178 -16.15 10.69 9.70
C ALA A 178 -16.26 12.19 9.93
N SER A 179 -16.86 12.55 11.06
CA SER A 179 -17.13 13.96 11.33
C SER A 179 -16.72 14.41 12.72
N ASN A 180 -16.97 13.62 13.75
CA ASN A 180 -16.64 13.99 15.13
C ASN A 180 -15.12 14.05 15.28
N ILE A 181 -14.57 15.27 15.26
CA ILE A 181 -13.12 15.42 15.20
C ILE A 181 -12.44 14.91 16.48
N ALA A 182 -13.11 15.02 17.63
CA ALA A 182 -12.55 14.47 18.86
C ALA A 182 -12.57 12.94 18.82
N LYS A 183 -13.70 12.37 18.39
CA LYS A 183 -13.78 10.94 18.15
C LYS A 183 -12.73 10.50 17.14
N ILE A 184 -12.52 11.28 16.09
CA ILE A 184 -11.49 10.94 15.10
C ILE A 184 -10.13 10.94 15.77
N ASP A 185 -9.86 11.92 16.64
CA ASP A 185 -8.59 11.97 17.35
C ASP A 185 -8.33 10.69 18.13
N LYS A 186 -9.33 10.24 18.90
CA LYS A 186 -9.07 9.07 19.73
C LYS A 186 -9.00 7.79 18.89
N ILE A 187 -9.83 7.68 17.85
CA ILE A 187 -9.76 6.51 16.97
C ILE A 187 -8.42 6.45 16.25
N ALA A 188 -7.89 7.62 15.86
CA ALA A 188 -6.62 7.65 15.14
C ALA A 188 -5.46 7.36 16.08
N GLU A 189 -5.54 7.81 17.33
CA GLU A 189 -4.53 7.43 18.31
C GLU A 189 -4.52 5.92 18.51
N LYS A 190 -5.70 5.33 18.74
CA LYS A 190 -5.76 3.89 19.00
C LYS A 190 -5.32 3.09 17.78
N ALA A 191 -5.82 3.44 16.60
CA ALA A 191 -5.56 2.62 15.41
C ALA A 191 -4.11 2.69 14.95
N SER A 192 -3.40 3.76 15.27
CA SER A 192 -2.03 3.94 14.81
C SER A 192 -0.98 3.42 15.79
N GLU A 193 -1.40 2.88 16.93
CA GLU A 193 -0.43 2.47 17.94
C GLU A 193 0.46 1.34 17.47
N ASN A 194 -0.03 0.49 16.55
CA ASN A 194 0.72 -0.70 16.17
C ASN A 194 1.13 -0.68 14.70
N VAL A 195 1.35 0.51 14.14
CA VAL A 195 1.94 0.67 12.82
C VAL A 195 3.23 1.46 12.98
N GLU A 196 4.20 1.16 12.12
CA GLU A 196 5.44 1.91 12.05
C GLU A 196 5.23 3.05 11.06
N THR A 197 5.46 4.29 11.50
CA THR A 197 5.15 5.42 10.62
C THR A 197 5.84 6.69 11.11
N ASN A 198 6.08 7.60 10.17
CA ASN A 198 6.53 8.96 10.48
C ASN A 198 5.43 9.98 10.26
N ILE A 199 4.18 9.53 10.15
CA ILE A 199 3.03 10.42 10.15
C ILE A 199 2.64 10.65 11.60
N ARG A 200 2.54 11.90 12.02
CA ARG A 200 2.16 12.23 13.38
C ARG A 200 0.66 12.30 13.50
N ILE A 201 0.17 12.18 14.72
CA ILE A 201 -1.27 12.23 14.96
C ILE A 201 -1.85 13.54 14.44
N THR A 202 -1.18 14.67 14.73
CA THR A 202 -1.66 15.96 14.27
C THR A 202 -1.72 16.03 12.74
N GLU A 203 -0.73 15.43 12.07
CA GLU A 203 -0.77 15.42 10.60
C GLU A 203 -1.94 14.60 10.09
N GLY A 204 -2.22 13.47 10.74
CA GLY A 204 -3.34 12.65 10.32
C GLY A 204 -4.67 13.34 10.54
N LEU A 205 -4.82 14.04 11.66
CA LEU A 205 -6.05 14.79 11.91
C LEU A 205 -6.20 15.92 10.89
N ALA A 206 -5.09 16.60 10.56
CA ALA A 206 -5.16 17.64 9.55
C ALA A 206 -5.57 17.07 8.19
N LEU A 207 -5.02 15.91 7.84
CA LEU A 207 -5.36 15.27 6.56
C LEU A 207 -6.83 14.85 6.54
N GLN A 208 -7.32 14.28 7.65
CA GLN A 208 -8.74 13.93 7.72
C GLN A 208 -9.61 15.16 7.52
N GLN A 209 -9.21 16.28 8.14
CA GLN A 209 -10.01 17.49 7.97
C GLN A 209 -9.98 17.99 6.54
N ILE A 210 -8.82 17.91 5.89
CA ILE A 210 -8.71 18.42 4.52
C ILE A 210 -9.54 17.59 3.56
N TYR A 211 -9.50 16.26 3.71
CA TYR A 211 -10.20 15.36 2.83
C TYR A 211 -11.57 14.97 3.38
N SER A 212 -12.10 15.74 4.33
CA SER A 212 -13.45 15.50 4.80
C SER A 212 -14.42 15.62 3.63
N GLY A 213 -15.23 14.59 3.43
CA GLY A 213 -16.16 14.58 2.31
C GLY A 213 -15.59 14.02 1.03
N PHE A 214 -14.30 13.71 1.00
CA PHE A 214 -13.69 13.05 -0.13
C PHE A 214 -14.24 11.63 -0.25
N THR A 215 -13.95 10.97 -1.37
CA THR A 215 -14.44 9.62 -1.58
C THR A 215 -13.44 8.91 -2.50
N SER A 216 -13.24 7.61 -2.27
CA SER A 216 -12.19 6.90 -2.96
C SER A 216 -12.44 6.80 -4.46
N LYS A 217 -13.69 6.94 -4.90
CA LYS A 217 -13.94 6.97 -6.34
C LYS A 217 -13.16 8.10 -7.02
N LYS A 218 -12.88 9.19 -6.28
CA LYS A 218 -12.19 10.33 -6.88
C LYS A 218 -10.70 10.13 -7.02
N ILE A 219 -10.14 9.08 -6.42
CA ILE A 219 -8.71 8.83 -6.53
C ILE A 219 -8.38 8.43 -7.96
N ASP A 220 -7.31 9.01 -8.49
CA ASP A 220 -6.82 8.64 -9.82
C ASP A 220 -5.93 7.43 -9.66
N THR A 221 -6.40 6.25 -10.07
CA THR A 221 -5.63 5.04 -9.84
C THR A 221 -4.80 4.72 -11.07
N LEU A 222 -3.48 4.73 -10.90
CA LEU A 222 -2.52 4.44 -11.96
C LEU A 222 -2.08 2.98 -11.85
N SER A 223 -1.40 2.51 -12.90
CA SER A 223 -1.04 1.11 -13.00
C SER A 223 0.40 0.97 -13.48
N ILE A 224 1.12 0.02 -12.90
CA ILE A 224 2.38 -0.46 -13.47
C ILE A 224 2.02 -1.61 -14.41
N THR A 225 1.95 -1.31 -15.71
CA THR A 225 1.74 -2.37 -16.68
C THR A 225 3.07 -3.07 -16.98
N GLY A 226 2.98 -4.28 -17.52
CA GLY A 226 4.18 -5.04 -17.80
C GLY A 226 3.85 -6.44 -18.24
N SER A 227 4.87 -7.29 -18.23
CA SER A 227 4.77 -8.63 -18.78
C SER A 227 5.27 -9.66 -17.77
N ASP A 228 4.63 -10.82 -17.75
CA ASP A 228 5.18 -11.96 -17.04
C ASP A 228 6.49 -12.37 -17.70
N LEU A 229 7.50 -12.68 -16.88
CA LEU A 229 8.82 -13.01 -17.38
C LEU A 229 9.35 -14.16 -16.55
N TYR A 230 9.87 -15.18 -17.19
CA TYR A 230 10.38 -16.36 -16.47
C TYR A 230 11.87 -16.49 -16.78
N LEU A 231 12.71 -16.24 -15.76
CA LEU A 231 14.14 -16.21 -15.96
C LEU A 231 14.78 -17.47 -15.40
N GLY A 232 15.80 -17.96 -16.12
CA GLY A 232 16.53 -19.13 -15.72
C GLY A 232 15.87 -20.41 -16.19
N PRO A 233 16.58 -21.53 -16.10
CA PRO A 233 15.93 -22.83 -16.37
C PRO A 233 14.91 -23.23 -15.32
N ASN A 234 14.90 -22.58 -14.16
CA ASN A 234 13.93 -22.84 -13.10
C ASN A 234 12.67 -22.00 -13.23
N ASN A 235 12.58 -21.15 -14.26
CA ASN A 235 11.39 -20.34 -14.53
C ASN A 235 11.02 -19.49 -13.31
N THR A 236 12.01 -18.75 -12.80
CA THR A 236 11.73 -17.78 -11.75
C THR A 236 10.81 -16.69 -12.30
N TYR A 237 9.68 -16.47 -11.63
CA TYR A 237 8.71 -15.50 -12.13
C TYR A 237 9.08 -14.08 -11.73
N TYR A 238 9.08 -13.18 -12.70
CA TYR A 238 9.21 -11.74 -12.49
C TYR A 238 8.09 -11.02 -13.22
N PHE A 239 7.74 -9.84 -12.72
CA PHE A 239 6.89 -8.92 -13.45
C PHE A 239 7.78 -7.83 -14.04
N GLU A 240 7.92 -7.81 -15.36
CA GLU A 240 8.79 -6.85 -16.00
C GLU A 240 7.99 -5.60 -16.34
N PRO A 241 8.33 -4.44 -15.78
CA PRO A 241 7.56 -3.22 -16.04
C PRO A 241 7.76 -2.71 -17.46
N ASP A 242 6.65 -2.28 -18.06
CA ASP A 242 6.68 -1.62 -19.35
C ASP A 242 7.33 -0.24 -19.23
N ALA A 243 8.36 0.01 -20.05
CA ALA A 243 9.16 1.22 -19.91
C ALA A 243 8.39 2.49 -20.27
N THR A 244 7.64 2.50 -21.38
CA THR A 244 6.94 3.73 -21.74
C THR A 244 5.78 4.01 -20.78
N ASN A 245 5.09 2.95 -20.32
CA ASN A 245 4.08 3.16 -19.29
C ASN A 245 4.71 3.71 -18.01
N LEU A 246 5.87 3.16 -17.62
CA LEU A 246 6.50 3.64 -16.39
C LEU A 246 6.90 5.09 -16.52
N GLU A 247 7.35 5.51 -17.72
CA GLU A 247 7.70 6.91 -17.91
C GLU A 247 6.46 7.80 -17.76
N LYS A 248 5.30 7.34 -18.26
CA LYS A 248 4.08 8.12 -18.08
C LYS A 248 3.64 8.16 -16.62
N VAL A 249 3.71 7.03 -15.92
CA VAL A 249 3.37 7.02 -14.50
C VAL A 249 4.26 7.99 -13.73
N ARG A 250 5.57 7.93 -13.99
CA ARG A 250 6.51 8.85 -13.37
C ARG A 250 6.10 10.29 -13.60
N LYS A 251 5.83 10.65 -14.86
CA LYS A 251 5.48 12.04 -15.17
C LYS A 251 4.19 12.44 -14.49
N THR A 252 3.23 11.53 -14.41
CA THR A 252 1.94 11.83 -13.79
C THR A 252 2.09 12.09 -12.31
N LEU A 253 2.85 11.23 -11.61
CA LEU A 253 3.06 11.42 -10.17
C LEU A 253 3.89 12.67 -9.89
N GLN A 254 4.93 12.91 -10.70
CA GLN A 254 5.72 14.12 -10.59
C GLN A 254 4.88 15.37 -10.74
N GLU A 255 4.02 15.40 -11.76
CA GLU A 255 3.15 16.57 -11.94
C GLU A 255 2.22 16.74 -10.75
N HIS A 256 1.67 15.63 -10.24
CA HIS A 256 0.77 15.74 -9.10
C HIS A 256 1.50 16.31 -7.89
N LEU A 257 2.77 15.93 -7.71
CA LEU A 257 3.55 16.38 -6.57
C LEU A 257 4.25 17.71 -6.79
N ASP A 258 4.12 18.32 -7.98
CA ASP A 258 4.86 19.54 -8.31
C ASP A 258 6.37 19.31 -8.18
N TYR A 259 6.83 18.13 -8.59
CA TYR A 259 8.21 17.73 -8.48
C TYR A 259 8.75 17.44 -9.87
N THR A 260 9.86 18.09 -10.23
CA THR A 260 10.51 17.82 -11.51
C THR A 260 11.82 17.07 -11.25
N PRO A 261 12.03 15.90 -11.84
CA PRO A 261 13.25 15.13 -11.57
C PRO A 261 14.49 15.81 -12.12
#